data_8XTW
#
_entry.id   8XTW
#
_cell.length_a   1.00
_cell.length_b   1.00
_cell.length_c   1.00
_cell.angle_alpha   90.00
_cell.angle_beta   90.00
_cell.angle_gamma   90.00
#
_symmetry.space_group_name_H-M   'P 1'
#
loop_
_entity.id
_entity.type
_entity.pdbx_description
1 polymer 'Vesicular acetylcholine transporter,Green fluorescent protein,antibody'
2 non-polymer ACETYLCHOLINE
#
_entity_poly.entity_id   1
_entity_poly.type   'polypeptide(L)'
_entity_poly.pdbx_seq_one_letter_code
;MESAEPAGQARAAATKLSEAVGAALQSKGEELFTGVVPILVELDGDVNGHKFSVRGEGEGDATNGKLTLKFICTTGKLPV
PWPTLVTTLTYGVQCFSRYPDHMKRHDFFKSAMPEGYVQERTISFKDDGTYKTRAEVKFEGDTLVNRIELKGIDFKEDGN
ILGHKLEYNFNSHNVYITADKQKNGIKANFKIRHNVEDGSVQLADHYQQNTPIGDGPVLLPDNHYLSTQSVLSKDPNEKR
DHMVLLEFVTAAGIEPRRQRRLVLVIVCVALLLDNMLYMVIVPIVPDYIAHMRGGGEGPTRTPEVWEPTLPLPTPANASA
YTANTSASPTAAWPAGSALRPRYPTESEDVKIGVLFASKAILQLLVNPLSGPFIDRMSYDVPLLIGLGVMFASTVLFAFA
EDYATLFAARSLQGLGSAFADTSGIAMIADKYPEEPERSRALGVALAFISFGSLVAPPFGGILYEFAGKRVPFLVLAAVS
LFDALLLLAVAKPFSAAARARANLPVGTPIHRLMLDPYIAVVAGALTTCNIPLAFLEPTIATWMKHTMAASEWEMGMAWL
PAFVPHVLGVYLTVRLAARYPHLQWLYGALGLAVIGASSCIVPACRSFAPLVVSLCGLCFGIALVDTALLPTLAFLVDVR
HVSVYGSVYAIADISYSVAYALGPIVAGHIVHSLGFEQLSLGMGLANLLYAPVLLLLRNVGLLTGSGQVQLVESGGALVQ
PGGSLRLSCAASGFPVNRYSMRWYRQAPGKEREWVAGMSSAGDRSSYEDSVKGRFTISRDDARNTVYLQMNSLKPEDTAV
YYCNVNVGFEYWGQGTQVTVSMGWSHPQFEKGGGSGGGSGGSAWSHPQFEK
;
_entity_poly.pdbx_strand_id   A
#
# COMPACT_ATOMS: atom_id res chain seq x y z
N ARG A 258 26.07 -11.88 4.09
CA ARG A 258 26.39 -10.91 5.13
C ARG A 258 25.13 -10.41 5.84
N GLN A 259 25.28 -9.36 6.65
CA GLN A 259 24.15 -8.77 7.37
C GLN A 259 22.98 -8.63 6.39
N ARG A 260 23.25 -8.33 5.12
CA ARG A 260 22.25 -7.84 4.18
C ARG A 260 20.92 -8.57 4.33
N ARG A 261 20.96 -9.89 4.45
CA ARG A 261 19.72 -10.65 4.56
C ARG A 261 19.00 -10.38 5.88
N LEU A 262 19.76 -10.21 6.96
CA LEU A 262 19.13 -9.97 8.27
C LEU A 262 18.36 -8.65 8.28
N VAL A 263 18.85 -7.64 7.57
CA VAL A 263 18.13 -6.38 7.50
C VAL A 263 16.86 -6.53 6.66
N LEU A 264 16.93 -7.27 5.55
CA LEU A 264 15.79 -7.40 4.66
C LEU A 264 14.60 -8.07 5.34
N VAL A 265 14.86 -9.12 6.12
CA VAL A 265 13.78 -9.84 6.78
C VAL A 265 13.08 -8.95 7.79
N ILE A 266 13.84 -8.24 8.62
CA ILE A 266 13.26 -7.47 9.71
C ILE A 266 12.49 -6.27 9.20
N VAL A 267 13.02 -5.59 8.18
CA VAL A 267 12.27 -4.49 7.58
C VAL A 267 10.96 -5.01 6.99
N CYS A 268 11.00 -6.20 6.39
CA CYS A 268 9.77 -6.80 5.85
C CYS A 268 8.74 -7.09 6.93
N VAL A 269 9.18 -7.60 8.09
CA VAL A 269 8.24 -7.88 9.19
C VAL A 269 7.62 -6.59 9.69
N ALA A 270 8.39 -5.50 9.70
CA ALA A 270 7.83 -4.21 10.11
C ALA A 270 6.74 -3.75 9.14
N LEU A 271 6.89 -4.05 7.85
CA LEU A 271 5.87 -3.68 6.88
C LEU A 271 4.62 -4.55 6.97
N LEU A 272 4.73 -5.74 7.57
CA LEU A 272 3.57 -6.62 7.70
C LEU A 272 2.70 -6.20 8.87
N LEU A 273 3.31 -5.93 10.02
CA LEU A 273 2.54 -5.48 11.18
C LEU A 273 1.94 -4.10 10.97
N ASP A 274 2.68 -3.22 10.29
CA ASP A 274 2.15 -1.88 10.02
C ASP A 274 0.94 -1.93 9.11
N ASN A 275 0.94 -2.83 8.12
CA ASN A 275 -0.18 -2.96 7.20
C ASN A 275 -1.34 -3.74 7.76
N MET A 276 -1.19 -4.33 8.94
CA MET A 276 -2.30 -5.02 9.59
C MET A 276 -3.16 -4.06 10.41
N LEU A 277 -2.57 -3.04 11.01
CA LEU A 277 -3.31 -2.08 11.81
C LEU A 277 -4.03 -1.04 10.97
N TYR A 278 -3.77 -0.98 9.66
CA TYR A 278 -4.52 -0.07 8.80
C TYR A 278 -5.87 -0.64 8.40
N MET A 279 -6.09 -1.95 8.56
CA MET A 279 -7.32 -2.58 8.12
C MET A 279 -8.08 -3.31 9.23
N VAL A 280 -7.41 -3.69 10.34
CA VAL A 280 -8.09 -4.41 11.41
C VAL A 280 -8.94 -3.50 12.28
N ILE A 281 -8.89 -2.19 12.07
CA ILE A 281 -9.62 -1.26 12.90
C ILE A 281 -10.88 -0.70 12.24
N VAL A 282 -11.04 -0.86 10.93
CA VAL A 282 -12.21 -0.32 10.24
C VAL A 282 -13.50 -1.04 10.60
N PRO A 283 -13.51 -2.34 11.01
CA PRO A 283 -14.78 -2.91 11.48
C PRO A 283 -15.10 -2.57 12.92
N ILE A 284 -14.05 -2.43 13.74
CA ILE A 284 -14.25 -2.21 15.17
C ILE A 284 -14.77 -0.81 15.45
N VAL A 285 -14.26 0.19 14.73
CA VAL A 285 -14.57 1.59 15.06
C VAL A 285 -16.07 1.88 15.07
N PRO A 286 -16.87 1.46 14.08
CA PRO A 286 -18.30 1.81 14.10
C PRO A 286 -19.08 1.20 15.26
N ASP A 287 -18.43 0.47 16.18
CA ASP A 287 -19.12 -0.05 17.35
C ASP A 287 -19.14 0.94 18.50
N TYR A 288 -18.00 1.58 18.78
CA TYR A 288 -17.91 2.51 19.90
C TYR A 288 -18.48 3.89 19.59
N ILE A 289 -18.69 4.21 18.31
CA ILE A 289 -19.26 5.50 17.97
C ILE A 289 -20.69 5.61 18.47
N ALA A 290 -21.49 4.56 18.28
CA ALA A 290 -22.88 4.56 18.72
C ALA A 290 -22.98 4.45 20.23
N GLU A 348 -24.76 11.44 10.88
CA GLU A 348 -23.80 12.11 10.00
C GLU A 348 -22.91 11.09 9.30
N ASP A 349 -23.29 10.73 8.07
CA ASP A 349 -22.49 9.77 7.30
C ASP A 349 -21.15 10.35 6.87
N VAL A 350 -20.99 11.67 6.92
CA VAL A 350 -19.72 12.31 6.60
C VAL A 350 -18.86 12.51 7.84
N LYS A 351 -19.34 12.07 9.00
CA LYS A 351 -18.53 12.17 10.22
C LYS A 351 -17.57 10.99 10.34
N ILE A 352 -18.05 9.78 10.08
CA ILE A 352 -17.18 8.61 10.11
C ILE A 352 -16.20 8.66 8.94
N GLY A 353 -16.65 9.14 7.78
CA GLY A 353 -15.81 9.14 6.60
C GLY A 353 -14.51 9.92 6.80
N VAL A 354 -14.61 11.10 7.41
CA VAL A 354 -13.40 11.89 7.67
C VAL A 354 -12.49 11.17 8.66
N LEU A 355 -13.07 10.48 9.65
CA LEU A 355 -12.25 9.73 10.59
C LEU A 355 -11.51 8.59 9.89
N PHE A 356 -12.17 7.91 8.95
CA PHE A 356 -11.52 6.83 8.22
C PHE A 356 -10.53 7.32 7.18
N ALA A 357 -10.67 8.57 6.73
CA ALA A 357 -9.81 9.14 5.70
C ALA A 357 -8.82 10.14 6.28
N SER A 358 -8.34 9.88 7.49
CA SER A 358 -7.36 10.75 8.13
C SER A 358 -5.93 10.22 8.02
N LYS A 359 -5.75 8.92 7.81
CA LYS A 359 -4.42 8.37 7.62
C LYS A 359 -3.79 8.93 6.35
N ALA A 360 -4.55 8.97 5.26
CA ALA A 360 -4.02 9.43 3.99
C ALA A 360 -3.89 10.94 3.92
N ILE A 361 -4.79 11.67 4.59
CA ILE A 361 -4.75 13.13 4.55
C ILE A 361 -3.46 13.63 5.19
N LEU A 362 -3.08 13.06 6.33
CA LEU A 362 -1.84 13.47 6.99
C LEU A 362 -0.62 13.06 6.16
N GLN A 363 -0.68 11.92 5.48
CA GLN A 363 0.43 11.52 4.62
C GLN A 363 0.61 12.46 3.45
N LEU A 364 -0.44 13.18 3.04
CA LEU A 364 -0.36 14.11 1.93
C LEU A 364 0.24 15.45 2.33
N LEU A 365 0.39 15.71 3.63
CA LEU A 365 0.96 16.96 4.12
C LEU A 365 2.27 16.77 4.87
N VAL A 366 2.72 15.54 5.06
CA VAL A 366 3.95 15.25 5.78
C VAL A 366 5.04 14.74 4.86
N ASN A 367 4.68 13.92 3.87
CA ASN A 367 5.68 13.38 2.96
C ASN A 367 6.49 14.44 2.21
N PRO A 368 5.89 15.51 1.68
CA PRO A 368 6.73 16.57 1.07
C PRO A 368 7.72 17.18 2.04
N LEU A 369 7.36 17.29 3.32
CA LEU A 369 8.25 17.83 4.34
C LEU A 369 9.10 16.76 5.00
N SER A 370 8.89 15.48 4.64
CA SER A 370 9.68 14.39 5.18
C SER A 370 10.49 13.63 4.14
N GLY A 371 10.18 13.80 2.86
CA GLY A 371 10.94 13.17 1.80
C GLY A 371 12.40 13.61 1.79
N PRO A 372 12.65 14.91 1.68
CA PRO A 372 14.04 15.40 1.76
C PRO A 372 14.71 15.10 3.08
N PHE A 373 13.95 14.87 4.14
CA PHE A 373 14.56 14.51 5.42
C PHE A 373 15.10 13.08 5.38
N ILE A 374 14.49 12.21 4.57
CA ILE A 374 14.91 10.82 4.52
C ILE A 374 16.31 10.71 3.94
N ASP A 375 16.58 11.46 2.86
CA ASP A 375 17.85 11.38 2.15
C ASP A 375 18.94 12.20 2.82
N ARG A 376 18.77 12.55 4.09
CA ARG A 376 19.75 13.32 4.84
C ARG A 376 20.22 12.66 6.12
N MET A 377 19.54 11.61 6.60
CA MET A 377 19.90 10.93 7.84
C MET A 377 20.13 9.43 7.65
N SER A 378 20.19 8.96 6.41
CA SER A 378 20.65 7.63 6.04
C SER A 378 19.72 6.48 6.43
N TYR A 379 18.40 6.66 6.32
CA TYR A 379 17.38 5.61 6.31
C TYR A 379 17.26 4.81 7.61
N ASP A 380 17.84 5.25 8.72
CA ASP A 380 17.76 4.49 9.97
C ASP A 380 17.04 5.24 11.07
N VAL A 381 17.45 6.48 11.35
CA VAL A 381 16.73 7.31 12.31
C VAL A 381 15.26 7.48 11.91
N PRO A 382 14.93 7.75 10.65
CA PRO A 382 13.50 7.80 10.29
C PRO A 382 12.77 6.49 10.54
N LEU A 383 13.41 5.34 10.29
CA LEU A 383 12.74 4.07 10.56
C LEU A 383 12.45 3.88 12.04
N LEU A 384 13.44 4.22 12.89
CA LEU A 384 13.21 4.11 14.32
C LEU A 384 12.11 5.06 14.78
N ILE A 385 12.09 6.28 14.24
CA ILE A 385 11.05 7.24 14.60
C ILE A 385 9.68 6.70 14.21
N GLY A 386 9.58 6.13 13.00
CA GLY A 386 8.30 5.58 12.56
C GLY A 386 7.85 4.43 13.42
N LEU A 387 8.76 3.52 13.77
CA LEU A 387 8.39 2.39 14.61
C LEU A 387 8.09 2.80 16.05
N GLY A 388 8.59 3.93 16.51
CA GLY A 388 8.18 4.45 17.81
C GLY A 388 6.80 5.08 17.77
N VAL A 389 6.54 5.85 16.72
CA VAL A 389 5.24 6.49 16.58
C VAL A 389 4.15 5.44 16.40
N MET A 390 4.44 4.37 15.66
CA MET A 390 3.47 3.29 15.51
C MET A 390 3.15 2.62 16.83
N PHE A 391 4.17 2.38 17.66
CA PHE A 391 3.92 1.80 18.98
C PHE A 391 3.07 2.71 19.84
N ALA A 392 3.35 4.02 19.82
CA ALA A 392 2.54 4.95 20.58
C ALA A 392 1.10 4.95 20.10
N SER A 393 0.89 4.93 18.78
CA SER A 393 -0.46 4.92 18.23
C SER A 393 -1.20 3.65 18.60
N THR A 394 -0.53 2.50 18.53
CA THR A 394 -1.19 1.24 18.88
C THR A 394 -1.57 1.21 20.35
N VAL A 395 -0.67 1.46 21.27
CA VAL A 395 -1.13 1.31 22.69
C VAL A 395 -2.38 2.16 22.88
N LEU A 396 -2.62 3.17 22.04
CA LEU A 396 -3.78 4.08 22.27
C LEU A 396 -5.06 3.35 21.88
N PHE A 397 -5.20 2.89 20.63
CA PHE A 397 -6.48 2.26 20.24
C PHE A 397 -6.88 1.37 21.40
N ALA A 398 -5.89 0.74 22.00
CA ALA A 398 -6.19 -0.21 23.09
C ALA A 398 -6.88 0.56 24.18
N PHE A 399 -6.26 1.66 24.64
CA PHE A 399 -7.06 2.35 25.65
C PHE A 399 -7.87 3.48 25.02
N ALA A 400 -8.63 3.15 23.98
CA ALA A 400 -9.32 4.15 23.18
C ALA A 400 -10.82 3.91 23.22
N GLU A 401 -11.60 4.95 23.46
CA GLU A 401 -13.08 4.83 23.38
C GLU A 401 -13.55 6.21 22.94
N ASP A 402 -14.83 6.53 23.09
CA ASP A 402 -15.26 7.87 22.63
C ASP A 402 -14.95 8.05 21.15
N TYR A 403 -14.60 9.27 20.73
CA TYR A 403 -14.38 9.55 19.30
C TYR A 403 -13.06 10.29 19.12
N ALA A 404 -12.87 11.39 19.83
CA ALA A 404 -11.66 12.21 19.65
C ALA A 404 -10.40 11.37 19.78
N THR A 405 -10.37 10.44 20.75
CA THR A 405 -9.19 9.60 20.92
C THR A 405 -8.97 8.72 19.69
N LEU A 406 -10.04 8.16 19.14
CA LEU A 406 -9.91 7.34 17.94
C LEU A 406 -9.44 8.17 16.75
N PHE A 407 -9.95 9.39 16.61
CA PHE A 407 -9.49 10.27 15.53
C PHE A 407 -8.00 10.58 15.67
N ALA A 408 -7.57 10.88 16.89
CA ALA A 408 -6.15 11.16 17.12
C ALA A 408 -5.29 9.94 16.83
N ALA A 409 -5.74 8.76 17.23
CA ALA A 409 -4.98 7.54 16.96
C ALA A 409 -4.86 7.29 15.46
N ARG A 410 -5.96 7.48 14.72
CA ARG A 410 -5.91 7.29 13.28
C ARG A 410 -4.97 8.28 12.61
N SER A 411 -4.96 9.54 13.07
CA SER A 411 -4.04 10.51 12.50
C SER A 411 -2.59 10.15 12.82
N LEU A 412 -2.33 9.70 14.05
CA LEU A 412 -0.97 9.28 14.40
C LEU A 412 -0.54 8.09 13.57
N GLN A 413 -1.48 7.24 13.16
CA GLN A 413 -1.13 6.13 12.28
C GLN A 413 -0.52 6.65 10.97
N GLY A 414 -1.16 7.65 10.36
CA GLY A 414 -0.61 8.22 9.15
C GLY A 414 0.71 8.93 9.37
N LEU A 415 0.83 9.64 10.49
CA LEU A 415 2.08 10.32 10.80
C LEU A 415 3.22 9.31 10.92
N GLY A 416 2.97 8.17 11.54
CA GLY A 416 3.97 7.12 11.63
C GLY A 416 4.23 6.40 10.33
N SER A 417 3.20 6.24 9.50
CA SER A 417 3.37 5.59 8.21
C SER A 417 4.12 6.44 7.20
N ALA A 418 4.12 7.76 7.37
CA ALA A 418 4.86 8.63 6.46
C ALA A 418 6.36 8.46 6.58
N PHE A 419 6.85 7.77 7.60
CA PHE A 419 8.27 7.55 7.80
C PHE A 419 8.68 6.10 7.59
N ALA A 420 7.98 5.16 8.23
CA ALA A 420 8.47 3.78 8.32
C ALA A 420 8.47 3.10 6.96
N ASP A 421 7.36 3.18 6.22
CA ASP A 421 7.28 2.50 4.93
C ASP A 421 8.30 3.07 3.94
N THR A 422 8.40 4.41 3.88
CA THR A 422 9.35 5.03 2.97
C THR A 422 10.77 4.64 3.32
N SER A 423 11.12 4.69 4.61
CA SER A 423 12.48 4.31 5.01
C SER A 423 12.77 2.85 4.70
N GLY A 424 11.80 1.96 4.96
CA GLY A 424 12.03 0.55 4.70
C GLY A 424 12.25 0.27 3.22
N ILE A 425 11.40 0.86 2.37
CA ILE A 425 11.55 0.63 0.93
C ILE A 425 12.87 1.23 0.43
N ALA A 426 13.23 2.41 0.92
CA ALA A 426 14.50 3.01 0.51
C ALA A 426 15.68 2.15 0.95
N MET A 427 15.64 1.61 2.17
CA MET A 427 16.73 0.76 2.65
C MET A 427 16.83 -0.52 1.83
N ILE A 428 15.70 -1.15 1.51
CA ILE A 428 15.73 -2.32 0.64
C ILE A 428 16.25 -2.02 -0.75
N ALA A 429 15.93 -0.86 -1.30
CA ALA A 429 16.44 -0.47 -2.61
C ALA A 429 17.91 -0.07 -2.59
N ASP A 430 18.42 0.42 -1.46
CA ASP A 430 19.80 0.87 -1.37
C ASP A 430 20.78 -0.24 -0.99
N LYS A 431 20.36 -1.17 -0.13
CA LYS A 431 21.24 -2.28 0.23
C LYS A 431 21.50 -3.21 -0.94
N TYR A 432 20.62 -3.18 -1.95
CA TYR A 432 20.75 -4.01 -3.15
C TYR A 432 20.97 -3.10 -4.35
N PRO A 433 22.20 -2.84 -4.76
CA PRO A 433 22.42 -1.88 -5.86
C PRO A 433 22.34 -2.51 -7.24
N GLU A 434 22.53 -3.82 -7.33
CA GLU A 434 22.53 -4.49 -8.62
C GLU A 434 21.11 -4.71 -9.12
N GLU A 435 21.00 -4.99 -10.42
CA GLU A 435 19.70 -5.11 -11.06
C GLU A 435 18.98 -6.44 -10.80
N PRO A 436 19.64 -7.59 -10.97
CA PRO A 436 18.91 -8.86 -10.77
C PRO A 436 18.45 -9.08 -9.33
N GLU A 437 19.03 -8.40 -8.36
CA GLU A 437 18.68 -8.59 -6.95
C GLU A 437 17.75 -7.51 -6.42
N ARG A 438 17.77 -6.30 -7.00
CA ARG A 438 16.88 -5.25 -6.54
C ARG A 438 15.42 -5.64 -6.74
N SER A 439 15.08 -6.14 -7.93
CA SER A 439 13.72 -6.56 -8.23
C SER A 439 13.34 -7.85 -7.52
N ARG A 440 14.32 -8.62 -7.04
CA ARG A 440 14.03 -9.79 -6.23
C ARG A 440 13.77 -9.43 -4.77
N ALA A 441 14.46 -8.42 -4.23
CA ALA A 441 14.19 -7.97 -2.88
C ALA A 441 12.89 -7.17 -2.80
N LEU A 442 12.63 -6.31 -3.79
CA LEU A 442 11.40 -5.53 -3.81
C LEU A 442 10.18 -6.38 -4.14
N GLY A 443 10.37 -7.64 -4.51
CA GLY A 443 9.27 -8.56 -4.65
C GLY A 443 8.91 -9.20 -3.33
N VAL A 444 9.93 -9.57 -2.55
CA VAL A 444 9.68 -10.10 -1.22
C VAL A 444 9.07 -9.03 -0.33
N ALA A 445 9.49 -7.78 -0.49
CA ALA A 445 8.89 -6.69 0.29
C ALA A 445 7.39 -6.58 0.02
N LEU A 446 6.99 -6.64 -1.25
CA LEU A 446 5.58 -6.55 -1.59
C LEU A 446 4.80 -7.80 -1.18
N ALA A 447 5.40 -8.99 -1.31
CA ALA A 447 4.74 -10.20 -0.83
C ALA A 447 4.54 -10.20 0.68
N PHE A 448 5.46 -9.58 1.43
CA PHE A 448 5.26 -9.42 2.87
C PHE A 448 4.26 -8.32 3.20
N ILE A 449 4.14 -7.31 2.35
CA ILE A 449 3.13 -6.27 2.55
C ILE A 449 1.73 -6.84 2.33
N SER A 450 1.56 -7.64 1.28
CA SER A 450 0.23 -8.18 0.95
C SER A 450 -0.31 -9.04 2.08
N PHE A 451 0.40 -10.11 2.43
CA PHE A 451 0.07 -10.86 3.64
C PHE A 451 0.14 -9.93 4.83
N GLY A 452 -0.90 -9.95 5.67
CA GLY A 452 -1.05 -8.98 6.74
C GLY A 452 -1.98 -7.85 6.39
N SER A 453 -2.26 -7.61 5.12
CA SER A 453 -3.30 -6.69 4.71
C SER A 453 -4.41 -7.37 3.92
N LEU A 454 -4.18 -8.60 3.45
CA LEU A 454 -5.19 -9.31 2.69
C LEU A 454 -5.71 -10.55 3.41
N VAL A 455 -4.94 -11.08 4.36
CA VAL A 455 -5.27 -12.36 4.99
C VAL A 455 -5.46 -12.19 6.49
N ALA A 456 -4.84 -11.18 7.07
CA ALA A 456 -4.86 -10.98 8.52
C ALA A 456 -6.12 -10.35 9.10
N PRO A 457 -6.73 -9.33 8.46
CA PRO A 457 -7.88 -8.65 9.07
C PRO A 457 -9.02 -9.58 9.45
N PRO A 458 -9.34 -10.62 8.66
CA PRO A 458 -10.37 -11.56 9.11
C PRO A 458 -10.04 -12.22 10.45
N PHE A 459 -8.79 -12.66 10.63
CA PHE A 459 -8.42 -13.27 11.89
C PHE A 459 -8.40 -12.24 13.02
N GLY A 460 -8.01 -11.00 12.72
CA GLY A 460 -8.10 -9.94 13.72
C GLY A 460 -9.52 -9.72 14.19
N GLY A 461 -10.47 -9.71 13.26
CA GLY A 461 -11.87 -9.57 13.63
C GLY A 461 -12.38 -10.76 14.42
N ILE A 462 -11.96 -11.97 14.04
CA ILE A 462 -12.37 -13.16 14.78
C ILE A 462 -11.87 -13.08 16.22
N LEU A 463 -10.61 -12.68 16.41
CA LEU A 463 -10.08 -12.52 17.75
C LEU A 463 -10.78 -11.39 18.50
N TYR A 464 -11.16 -10.32 17.81
CA TYR A 464 -11.90 -9.25 18.46
C TYR A 464 -13.25 -9.74 18.99
N GLU A 465 -13.94 -10.55 18.21
CA GLU A 465 -15.24 -11.07 18.64
C GLU A 465 -15.13 -12.12 19.73
N PHE A 466 -13.93 -12.43 20.21
CA PHE A 466 -13.72 -13.42 21.25
C PHE A 466 -13.08 -12.85 22.50
N ALA A 467 -12.05 -12.02 22.36
CA ALA A 467 -11.30 -11.49 23.49
C ALA A 467 -11.56 -10.02 23.75
N GLY A 468 -11.74 -9.21 22.70
CA GLY A 468 -12.02 -7.79 22.85
C GLY A 468 -11.01 -6.94 22.09
N LYS A 469 -10.56 -5.87 22.73
CA LYS A 469 -9.65 -4.92 22.11
C LYS A 469 -8.37 -4.67 22.91
N ARG A 470 -8.39 -4.91 24.22
CA ARG A 470 -7.27 -4.49 25.06
C ARG A 470 -6.05 -5.39 24.87
N VAL A 471 -6.20 -6.68 25.15
CA VAL A 471 -5.05 -7.59 25.15
C VAL A 471 -4.42 -7.73 23.77
N PRO A 472 -5.17 -8.00 22.68
CA PRO A 472 -4.52 -8.17 21.38
C PRO A 472 -3.71 -6.96 20.93
N PHE A 473 -4.22 -5.75 21.17
CA PHE A 473 -3.49 -4.56 20.73
C PHE A 473 -2.22 -4.36 21.54
N LEU A 474 -2.26 -4.65 22.84
CA LEU A 474 -1.05 -4.59 23.65
C LEU A 474 -0.02 -5.61 23.17
N VAL A 475 -0.47 -6.82 22.83
CA VAL A 475 0.45 -7.84 22.33
C VAL A 475 1.08 -7.39 21.01
N LEU A 476 0.28 -6.82 20.12
CA LEU A 476 0.82 -6.31 18.86
C LEU A 476 1.81 -5.16 19.07
N ALA A 477 1.52 -4.26 20.01
CA ALA A 477 2.48 -3.21 20.34
C ALA A 477 3.78 -3.78 20.88
N ALA A 478 3.69 -4.81 21.72
CA ALA A 478 4.89 -5.46 22.23
C ALA A 478 5.71 -6.08 21.11
N VAL A 479 5.04 -6.74 20.16
CA VAL A 479 5.76 -7.34 19.02
C VAL A 479 6.45 -6.26 18.19
N SER A 480 5.75 -5.15 17.93
CA SER A 480 6.34 -4.07 17.16
C SER A 480 7.56 -3.49 17.88
N LEU A 481 7.45 -3.29 19.20
CA LEU A 481 8.58 -2.77 19.96
C LEU A 481 9.76 -3.74 19.95
N PHE A 482 9.47 -5.05 20.03
CA PHE A 482 10.53 -6.04 19.93
C PHE A 482 11.26 -5.95 18.58
N ASP A 483 10.49 -5.83 17.50
CA ASP A 483 11.10 -5.71 16.18
C ASP A 483 11.97 -4.46 16.07
N ALA A 484 11.45 -3.32 16.55
CA ALA A 484 12.23 -2.09 16.51
C ALA A 484 13.50 -2.22 17.34
N LEU A 485 13.40 -2.85 18.51
CA LEU A 485 14.57 -2.98 19.37
C LEU A 485 15.65 -3.83 18.72
N LEU A 486 15.26 -4.97 18.13
CA LEU A 486 16.30 -5.83 17.56
C LEU A 486 16.87 -5.20 16.29
N LEU A 487 16.07 -4.43 15.56
CA LEU A 487 16.64 -3.64 14.46
C LEU A 487 17.66 -2.63 14.98
N LEU A 488 17.36 -1.93 16.08
CA LEU A 488 18.33 -1.03 16.69
C LEU A 488 19.61 -1.76 17.09
N ALA A 489 19.49 -2.99 17.59
CA ALA A 489 20.66 -3.78 17.94
C ALA A 489 21.43 -4.29 16.74
N VAL A 490 20.77 -4.53 15.61
CA VAL A 490 21.46 -5.08 14.44
C VAL A 490 22.13 -3.98 13.62
N ALA A 491 21.41 -2.91 13.29
CA ALA A 491 21.96 -1.85 12.46
C ALA A 491 23.03 -1.02 13.14
N LYS A 492 23.01 -0.92 14.47
CA LYS A 492 23.93 -0.12 15.27
C LYS A 492 24.03 1.31 14.74
N PRO A 493 22.96 2.11 14.80
CA PRO A 493 23.05 3.49 14.31
C PRO A 493 23.89 4.40 15.18
N PHE A 494 24.33 3.94 16.34
CA PHE A 494 25.06 4.77 17.30
C PHE A 494 26.55 4.80 17.00
N SER A 495 26.90 5.18 15.77
CA SER A 495 28.31 5.28 15.37
C SER A 495 28.37 6.23 14.18
N ALA A 496 28.98 7.40 14.37
CA ALA A 496 29.12 8.41 13.32
C ALA A 496 27.78 8.78 12.70
N PRO A 505 26.25 12.96 0.10
CA PRO A 505 25.99 13.62 -1.19
C PRO A 505 24.69 14.44 -1.17
N VAL A 506 24.68 15.53 -1.94
CA VAL A 506 23.52 16.40 -1.98
C VAL A 506 22.38 15.71 -2.72
N GLY A 507 21.18 15.76 -2.15
CA GLY A 507 20.00 15.17 -2.75
C GLY A 507 19.26 16.14 -3.64
N THR A 508 18.61 15.61 -4.66
CA THR A 508 17.84 16.43 -5.59
C THR A 508 16.57 16.92 -4.92
N PRO A 509 16.21 18.19 -5.06
CA PRO A 509 14.94 18.67 -4.48
C PRO A 509 13.75 17.99 -5.14
N ILE A 510 12.67 17.85 -4.36
CA ILE A 510 11.50 17.11 -4.83
C ILE A 510 10.85 17.79 -6.03
N HIS A 511 11.00 19.10 -6.16
CA HIS A 511 10.41 19.80 -7.30
C HIS A 511 11.02 19.33 -8.61
N ARG A 512 12.35 19.17 -8.64
CA ARG A 512 13.02 18.70 -9.85
C ARG A 512 12.61 17.27 -10.19
N LEU A 513 12.50 16.40 -9.18
CA LEU A 513 12.09 15.03 -9.42
C LEU A 513 10.67 14.98 -9.97
N MET A 514 9.76 15.80 -9.42
CA MET A 514 8.38 15.78 -9.88
C MET A 514 8.23 16.26 -11.31
N LEU A 515 9.13 17.13 -11.79
CA LEU A 515 9.00 17.67 -13.14
C LEU A 515 9.53 16.74 -14.22
N ASP A 516 10.23 15.68 -13.85
CA ASP A 516 10.73 14.73 -14.83
C ASP A 516 9.56 13.97 -15.45
N PRO A 517 9.39 13.99 -16.78
CA PRO A 517 8.21 13.36 -17.38
C PRO A 517 8.04 11.90 -17.03
N TYR A 518 9.12 11.14 -16.97
CA TYR A 518 9.01 9.71 -16.68
C TYR A 518 8.52 9.47 -15.26
N ILE A 519 9.02 10.26 -14.30
CA ILE A 519 8.57 10.12 -12.92
C ILE A 519 7.09 10.47 -12.81
N ALA A 520 6.65 11.51 -13.53
CA ALA A 520 5.24 11.88 -13.51
C ALA A 520 4.38 10.78 -14.12
N VAL A 521 4.84 10.17 -15.21
CA VAL A 521 4.09 9.09 -15.84
C VAL A 521 3.97 7.91 -14.89
N VAL A 522 5.05 7.56 -14.20
CA VAL A 522 5.00 6.44 -13.26
C VAL A 522 4.07 6.76 -12.08
N ALA A 523 4.15 7.99 -11.57
CA ALA A 523 3.29 8.39 -10.47
C ALA A 523 1.82 8.39 -10.83
N GLY A 524 1.47 8.75 -12.07
CA GLY A 524 0.09 8.66 -12.49
C GLY A 524 -0.43 7.23 -12.52
N ALA A 525 0.39 6.31 -13.00
CA ALA A 525 0.01 4.90 -13.01
C ALA A 525 -0.15 4.36 -11.59
N LEU A 526 0.71 4.80 -10.68
CA LEU A 526 0.62 4.32 -9.30
C LEU A 526 -0.67 4.73 -8.61
N THR A 527 -1.38 5.74 -9.13
CA THR A 527 -2.67 6.15 -8.60
C THR A 527 -3.82 5.54 -9.37
N THR A 528 -3.70 5.47 -10.70
CA THR A 528 -4.76 4.87 -11.51
C THR A 528 -4.91 3.38 -11.21
N CYS A 529 -3.81 2.65 -11.00
CA CYS A 529 -3.87 1.23 -10.70
C CYS A 529 -4.35 0.95 -9.29
N ASN A 530 -4.47 1.97 -8.45
CA ASN A 530 -4.83 1.79 -7.06
C ASN A 530 -6.20 2.35 -6.70
N ILE A 531 -6.76 3.24 -7.54
CA ILE A 531 -8.14 3.68 -7.32
C ILE A 531 -9.12 2.51 -7.23
N PRO A 532 -9.07 1.48 -8.12
CA PRO A 532 -10.02 0.37 -7.98
C PRO A 532 -9.60 -0.65 -6.94
N LEU A 533 -9.09 -0.16 -5.81
CA LEU A 533 -8.98 -0.96 -4.60
C LEU A 533 -9.37 -0.16 -3.37
N ALA A 534 -9.41 1.17 -3.46
CA ALA A 534 -9.93 2.01 -2.40
C ALA A 534 -11.32 2.53 -2.68
N PHE A 535 -11.79 2.47 -3.93
CA PHE A 535 -13.18 2.80 -4.22
C PHE A 535 -14.12 1.61 -4.11
N LEU A 536 -13.59 0.41 -3.84
CA LEU A 536 -14.41 -0.80 -3.73
C LEU A 536 -14.46 -1.37 -2.32
N GLU A 537 -13.43 -1.15 -1.51
CA GLU A 537 -13.42 -1.72 -0.16
C GLU A 537 -14.58 -1.25 0.71
N PRO A 538 -14.90 0.05 0.80
CA PRO A 538 -15.99 0.44 1.70
C PRO A 538 -17.38 0.21 1.15
N THR A 539 -17.53 -0.04 -0.15
CA THR A 539 -18.85 -0.13 -0.78
C THR A 539 -18.99 -1.44 -1.54
N ILE A 540 -18.63 -2.55 -0.90
CA ILE A 540 -18.84 -3.88 -1.46
C ILE A 540 -19.75 -4.73 -0.59
N ALA A 541 -19.63 -4.62 0.74
CA ALA A 541 -20.41 -5.47 1.63
C ALA A 541 -21.90 -5.18 1.51
N THR A 542 -22.27 -3.90 1.48
CA THR A 542 -23.69 -3.54 1.38
C THR A 542 -24.28 -4.01 0.07
N TRP A 543 -23.55 -3.82 -1.04
CA TRP A 543 -24.05 -4.27 -2.33
C TRP A 543 -24.19 -5.79 -2.36
N MET A 544 -23.22 -6.50 -1.81
CA MET A 544 -23.30 -7.95 -1.77
C MET A 544 -24.51 -8.41 -0.97
N LYS A 545 -24.72 -7.81 0.20
CA LYS A 545 -25.84 -8.21 1.04
C LYS A 545 -27.17 -7.92 0.36
N HIS A 546 -27.28 -6.77 -0.31
CA HIS A 546 -28.54 -6.40 -0.95
C HIS A 546 -28.83 -7.29 -2.16
N THR A 547 -27.82 -7.57 -2.97
CA THR A 547 -28.06 -8.31 -4.21
C THR A 547 -28.11 -9.82 -3.96
N MET A 548 -27.01 -10.39 -3.48
CA MET A 548 -26.89 -11.83 -3.32
C MET A 548 -27.17 -12.23 -1.87
N ALA A 549 -27.81 -13.37 -1.69
CA ALA A 549 -28.10 -13.88 -0.35
C ALA A 549 -26.80 -14.40 0.25
N ALA A 550 -26.14 -13.56 1.05
CA ALA A 550 -24.85 -13.88 1.63
C ALA A 550 -24.89 -13.67 3.13
N SER A 551 -24.28 -14.59 3.87
CA SER A 551 -24.20 -14.50 5.31
C SER A 551 -22.96 -13.69 5.70
N GLU A 552 -22.69 -13.65 7.01
CA GLU A 552 -21.55 -12.88 7.49
C GLU A 552 -20.22 -13.48 7.03
N TRP A 553 -20.18 -14.81 6.89
CA TRP A 553 -18.92 -15.48 6.57
C TRP A 553 -18.39 -15.05 5.20
N GLU A 554 -19.26 -15.08 4.18
CA GLU A 554 -18.80 -14.69 2.85
C GLU A 554 -18.52 -13.20 2.76
N MET A 555 -19.32 -12.38 3.46
CA MET A 555 -19.08 -10.94 3.44
C MET A 555 -17.77 -10.58 4.12
N GLY A 556 -17.34 -11.37 5.09
CA GLY A 556 -16.09 -11.12 5.79
C GLY A 556 -14.88 -11.67 5.07
N MET A 557 -14.95 -12.94 4.67
CA MET A 557 -13.83 -13.60 3.99
C MET A 557 -14.06 -13.56 2.48
N ALA A 558 -14.05 -12.34 1.95
CA ALA A 558 -14.18 -12.13 0.52
C ALA A 558 -12.87 -11.79 -0.18
N TRP A 559 -11.90 -11.22 0.55
CA TRP A 559 -10.59 -10.91 -0.01
C TRP A 559 -9.54 -11.96 0.34
N LEU A 560 -9.85 -12.89 1.24
CA LEU A 560 -8.86 -13.89 1.63
C LEU A 560 -8.38 -14.74 0.46
N PRO A 561 -9.25 -15.31 -0.41
CA PRO A 561 -8.77 -16.12 -1.54
C PRO A 561 -8.20 -15.29 -2.69
N ALA A 562 -7.35 -14.32 -2.34
CA ALA A 562 -6.66 -13.51 -3.33
C ALA A 562 -5.16 -13.39 -3.06
N PHE A 563 -4.68 -13.97 -1.96
CA PHE A 563 -3.25 -13.93 -1.65
C PHE A 563 -2.45 -14.73 -2.68
N VAL A 564 -2.97 -15.88 -3.10
CA VAL A 564 -2.23 -16.74 -4.04
C VAL A 564 -1.98 -16.04 -5.38
N PRO A 565 -2.98 -15.45 -6.05
CA PRO A 565 -2.68 -14.75 -7.30
C PRO A 565 -1.68 -13.61 -7.14
N HIS A 566 -1.68 -12.92 -6.00
CA HIS A 566 -0.75 -11.82 -5.81
C HIS A 566 0.70 -12.29 -5.79
N VAL A 567 1.00 -13.30 -4.97
CA VAL A 567 2.37 -13.80 -4.91
C VAL A 567 2.76 -14.47 -6.22
N LEU A 568 1.82 -15.16 -6.87
CA LEU A 568 2.12 -15.75 -8.16
C LEU A 568 2.49 -14.68 -9.19
N GLY A 569 1.74 -13.57 -9.21
CA GLY A 569 2.06 -12.49 -10.13
C GLY A 569 3.38 -11.83 -9.81
N VAL A 570 3.69 -11.65 -8.52
CA VAL A 570 4.97 -11.07 -8.15
C VAL A 570 6.12 -11.95 -8.62
N TYR A 571 6.01 -13.26 -8.38
CA TYR A 571 7.06 -14.17 -8.81
C TYR A 571 7.19 -14.19 -10.33
N LEU A 572 6.07 -14.18 -11.04
CA LEU A 572 6.11 -14.18 -12.50
C LEU A 572 6.79 -12.92 -13.03
N THR A 573 6.46 -11.76 -12.46
CA THR A 573 7.08 -10.52 -12.90
C THR A 573 8.58 -10.52 -12.60
N VAL A 574 8.98 -11.03 -11.43
CA VAL A 574 10.40 -11.07 -11.11
C VAL A 574 11.15 -11.97 -12.09
N ARG A 575 10.60 -13.15 -12.37
CA ARG A 575 11.27 -14.07 -13.28
C ARG A 575 11.35 -13.49 -14.69
N LEU A 576 10.27 -12.85 -15.16
CA LEU A 576 10.30 -12.25 -16.49
C LEU A 576 11.25 -11.06 -16.57
N ALA A 577 11.35 -10.26 -15.51
CA ALA A 577 12.32 -9.18 -15.49
C ALA A 577 13.74 -9.71 -15.53
N ALA A 578 14.00 -10.80 -14.81
CA ALA A 578 15.32 -11.42 -14.87
C ALA A 578 15.63 -11.94 -16.27
N ARG A 579 14.65 -12.54 -16.94
CA ARG A 579 14.88 -13.11 -18.26
C ARG A 579 15.10 -12.01 -19.30
N TYR A 580 14.10 -11.15 -19.49
CA TYR A 580 14.21 -10.05 -20.45
C TYR A 580 14.15 -8.72 -19.70
N PRO A 581 15.25 -7.98 -19.66
CA PRO A 581 15.18 -6.58 -19.22
C PRO A 581 14.35 -5.73 -20.16
N HIS A 582 14.20 -4.44 -19.82
CA HIS A 582 13.56 -3.43 -20.65
C HIS A 582 12.15 -3.80 -21.11
N LEU A 583 11.48 -4.69 -20.38
CA LEU A 583 10.08 -5.03 -20.66
C LEU A 583 9.16 -4.61 -19.52
N GLN A 584 9.68 -3.75 -18.64
CA GLN A 584 8.88 -3.29 -17.49
C GLN A 584 7.68 -2.49 -17.96
N TRP A 585 7.83 -1.69 -19.01
CA TRP A 585 6.68 -0.95 -19.53
C TRP A 585 5.61 -1.89 -20.07
N LEU A 586 6.01 -2.96 -20.76
CA LEU A 586 5.03 -3.92 -21.25
C LEU A 586 4.32 -4.60 -20.09
N TYR A 587 5.07 -4.96 -19.04
CA TYR A 587 4.44 -5.60 -17.88
C TYR A 587 3.46 -4.64 -17.20
N GLY A 588 3.82 -3.37 -17.08
CA GLY A 588 2.92 -2.41 -16.47
C GLY A 588 1.66 -2.20 -17.28
N ALA A 589 1.80 -2.10 -18.61
CA ALA A 589 0.62 -1.96 -19.45
C ALA A 589 -0.29 -3.17 -19.35
N LEU A 590 0.29 -4.37 -19.35
CA LEU A 590 -0.52 -5.57 -19.21
C LEU A 590 -1.25 -5.59 -17.87
N GLY A 591 -0.56 -5.19 -16.79
CA GLY A 591 -1.20 -5.13 -15.49
C GLY A 591 -2.35 -4.14 -15.46
N LEU A 592 -2.16 -2.97 -16.06
CA LEU A 592 -3.24 -1.98 -16.11
C LEU A 592 -4.44 -2.52 -16.88
N ALA A 593 -4.19 -3.19 -18.02
CA ALA A 593 -5.29 -3.77 -18.78
C ALA A 593 -6.02 -4.83 -17.97
N VAL A 594 -5.28 -5.67 -17.25
CA VAL A 594 -5.92 -6.71 -16.44
C VAL A 594 -6.77 -6.09 -15.34
N ILE A 595 -6.25 -5.05 -14.68
CA ILE A 595 -7.01 -4.39 -13.62
C ILE A 595 -8.31 -3.82 -14.17
N GLY A 596 -8.22 -3.14 -15.32
CA GLY A 596 -9.41 -2.57 -15.93
C GLY A 596 -10.43 -3.64 -16.30
N ALA A 597 -9.97 -4.73 -16.90
CA ALA A 597 -10.88 -5.80 -17.29
C ALA A 597 -11.57 -6.41 -16.07
N SER A 598 -10.82 -6.65 -14.99
CA SER A 598 -11.41 -7.24 -13.80
C SER A 598 -12.44 -6.31 -13.16
N SER A 599 -12.09 -5.02 -13.03
CA SER A 599 -13.01 -4.08 -12.41
C SER A 599 -14.24 -3.84 -13.28
N CYS A 600 -14.13 -4.01 -14.60
CA CYS A 600 -15.31 -3.95 -15.45
C CYS A 600 -16.15 -5.22 -15.36
N ILE A 601 -15.50 -6.37 -15.17
CA ILE A 601 -16.21 -7.64 -15.07
C ILE A 601 -16.98 -7.73 -13.77
N VAL A 602 -16.48 -7.12 -12.69
CA VAL A 602 -17.02 -7.29 -11.34
C VAL A 602 -18.54 -7.10 -11.27
N PRO A 603 -19.14 -6.05 -11.86
CA PRO A 603 -20.61 -5.91 -11.73
C PRO A 603 -21.39 -6.86 -12.64
N ALA A 604 -21.01 -8.13 -12.67
CA ALA A 604 -21.74 -9.12 -13.45
C ALA A 604 -21.94 -10.39 -12.63
N CYS A 605 -21.11 -10.59 -11.61
CA CYS A 605 -21.17 -11.80 -10.81
C CYS A 605 -22.37 -11.77 -9.88
N ARG A 606 -23.17 -12.84 -9.90
CA ARG A 606 -24.31 -13.00 -9.02
C ARG A 606 -24.15 -14.21 -8.11
N SER A 607 -22.89 -14.58 -7.83
CA SER A 607 -22.61 -15.73 -6.98
C SER A 607 -21.24 -15.54 -6.34
N PHE A 608 -20.99 -16.29 -5.28
CA PHE A 608 -19.76 -16.12 -4.50
C PHE A 608 -18.52 -16.45 -5.34
N ALA A 609 -18.54 -17.58 -6.04
CA ALA A 609 -17.36 -18.02 -6.78
C ALA A 609 -16.99 -17.06 -7.91
N PRO A 610 -17.90 -16.61 -8.78
CA PRO A 610 -17.48 -15.65 -9.81
C PRO A 610 -16.95 -14.35 -9.22
N LEU A 611 -17.53 -13.88 -8.12
CA LEU A 611 -17.01 -12.68 -7.48
C LEU A 611 -15.60 -12.89 -6.95
N VAL A 612 -15.36 -14.05 -6.33
CA VAL A 612 -14.02 -14.36 -5.84
C VAL A 612 -13.02 -14.43 -6.99
N VAL A 613 -13.44 -14.99 -8.13
CA VAL A 613 -12.55 -15.05 -9.29
C VAL A 613 -12.25 -13.64 -9.81
N SER A 614 -13.27 -12.78 -9.86
CA SER A 614 -13.05 -11.41 -10.31
C SER A 614 -12.09 -10.68 -9.37
N LEU A 615 -12.24 -10.87 -8.06
CA LEU A 615 -11.32 -10.26 -7.13
C LEU A 615 -9.91 -10.85 -7.25
N CYS A 616 -9.81 -12.13 -7.59
CA CYS A 616 -8.52 -12.72 -7.88
C CYS A 616 -7.84 -12.02 -9.05
N GLY A 617 -8.60 -11.79 -10.11
CA GLY A 617 -8.04 -11.07 -11.25
C GLY A 617 -7.62 -9.66 -10.89
N LEU A 618 -8.46 -8.96 -10.13
CA LEU A 618 -8.14 -7.60 -9.72
C LEU A 618 -6.87 -7.55 -8.87
N CYS A 619 -6.70 -8.50 -7.96
CA CYS A 619 -5.52 -8.53 -7.10
C CYS A 619 -4.28 -8.99 -7.83
N PHE A 620 -4.43 -9.86 -8.83
CA PHE A 620 -3.28 -10.25 -9.65
C PHE A 620 -2.85 -9.12 -10.57
N GLY A 621 -3.77 -8.26 -10.96
CA GLY A 621 -3.41 -7.11 -11.79
C GLY A 621 -2.53 -6.10 -11.06
N ILE A 622 -2.76 -5.91 -9.76
CA ILE A 622 -2.02 -4.91 -9.01
C ILE A 622 -0.56 -5.32 -8.82
N ALA A 623 -0.32 -6.61 -8.57
CA ALA A 623 1.02 -7.08 -8.27
C ALA A 623 1.96 -6.87 -9.44
N LEU A 624 1.49 -7.14 -10.66
CA LEU A 624 2.33 -6.94 -11.83
C LEU A 624 2.79 -5.49 -11.95
N VAL A 625 1.85 -4.55 -11.85
CA VAL A 625 2.20 -3.13 -11.97
C VAL A 625 3.16 -2.72 -10.87
N ASP A 626 2.87 -3.12 -9.63
CA ASP A 626 3.73 -2.71 -8.52
C ASP A 626 5.15 -3.25 -8.69
N THR A 627 5.28 -4.55 -8.95
CA THR A 627 6.61 -5.14 -9.05
C THR A 627 7.36 -4.64 -10.28
N ALA A 628 6.64 -4.30 -11.36
CA ALA A 628 7.31 -3.83 -12.56
C ALA A 628 7.78 -2.39 -12.39
N LEU A 629 6.97 -1.53 -11.79
CA LEU A 629 7.26 -0.11 -11.77
C LEU A 629 7.85 0.39 -10.46
N LEU A 630 8.09 -0.49 -9.48
CA LEU A 630 8.74 0.03 -8.29
C LEU A 630 10.26 0.16 -8.48
N PRO A 631 10.96 -0.85 -9.01
CA PRO A 631 12.39 -0.66 -9.30
C PRO A 631 12.67 0.38 -10.38
N THR A 632 11.69 0.70 -11.22
CA THR A 632 11.94 1.66 -12.30
C THR A 632 12.24 3.05 -11.77
N LEU A 633 11.57 3.45 -10.68
CA LEU A 633 11.83 4.76 -10.09
C LEU A 633 13.27 4.86 -9.61
N ALA A 634 13.75 3.83 -8.91
CA ALA A 634 15.15 3.80 -8.48
C ALA A 634 16.11 3.77 -9.66
N PHE A 635 15.80 3.00 -10.70
CA PHE A 635 16.68 2.96 -11.87
C PHE A 635 16.77 4.32 -12.54
N LEU A 636 15.64 5.03 -12.66
CA LEU A 636 15.67 6.36 -13.26
C LEU A 636 16.44 7.35 -12.38
N VAL A 637 16.20 7.34 -11.08
CA VAL A 637 16.90 8.27 -10.19
C VAL A 637 18.37 7.91 -10.04
N ASP A 638 18.78 6.71 -10.45
CA ASP A 638 20.18 6.35 -10.52
C ASP A 638 20.83 6.77 -11.83
N VAL A 639 20.14 6.55 -12.95
CA VAL A 639 20.68 6.94 -14.25
C VAL A 639 20.82 8.45 -14.34
N ARG A 640 19.80 9.19 -13.91
CA ARG A 640 19.82 10.64 -13.92
C ARG A 640 19.77 11.17 -12.49
N HIS A 641 19.82 12.49 -12.37
CA HIS A 641 19.72 13.20 -11.09
C HIS A 641 20.87 12.74 -10.20
N VAL A 642 20.63 12.41 -8.93
CA VAL A 642 21.69 12.00 -8.00
C VAL A 642 21.33 10.65 -7.41
N SER A 643 22.34 9.80 -7.20
CA SER A 643 22.11 8.42 -6.78
C SER A 643 21.79 8.33 -5.29
N VAL A 644 20.70 8.99 -4.90
CA VAL A 644 20.17 8.91 -3.55
C VAL A 644 18.65 8.72 -3.62
N TYR A 645 18.15 7.76 -2.86
CA TYR A 645 16.74 7.44 -2.82
C TYR A 645 16.09 8.12 -1.61
N GLY A 646 14.85 7.76 -1.33
CA GLY A 646 14.14 8.32 -0.20
C GLY A 646 13.26 9.49 -0.59
N SER A 647 13.75 10.33 -1.48
CA SER A 647 12.96 11.44 -2.01
C SER A 647 12.22 11.07 -3.29
N VAL A 648 12.42 9.85 -3.81
CA VAL A 648 11.71 9.41 -5.00
C VAL A 648 10.60 8.41 -4.68
N TYR A 649 10.58 7.84 -3.47
CA TYR A 649 9.47 7.01 -3.03
C TYR A 649 8.41 7.80 -2.26
N ALA A 650 8.76 9.01 -1.80
CA ALA A 650 7.75 9.90 -1.26
C ALA A 650 6.71 10.24 -2.31
N ILE A 651 7.12 10.31 -3.59
CA ILE A 651 6.16 10.55 -4.66
C ILE A 651 5.20 9.38 -4.79
N ALA A 652 5.70 8.15 -4.69
CA ALA A 652 4.82 6.98 -4.74
C ALA A 652 3.85 6.97 -3.56
N ASP A 653 4.34 7.30 -2.36
CA ASP A 653 3.46 7.35 -1.20
C ASP A 653 2.40 8.43 -1.36
N ILE A 654 2.78 9.60 -1.89
CA ILE A 654 1.83 10.67 -2.16
C ILE A 654 0.78 10.19 -3.15
N SER A 655 1.20 9.47 -4.19
CA SER A 655 0.27 8.95 -5.19
C SER A 655 -0.73 7.99 -4.58
N TYR A 656 -0.27 7.10 -3.70
CA TYR A 656 -1.20 6.19 -3.02
C TYR A 656 -2.18 6.95 -2.15
N SER A 657 -1.67 7.94 -1.40
CA SER A 657 -2.47 8.68 -0.43
C SER A 657 -3.45 9.64 -1.08
N VAL A 658 -3.52 9.68 -2.40
CA VAL A 658 -4.58 10.42 -3.10
C VAL A 658 -5.83 9.57 -3.25
N ALA A 659 -5.68 8.35 -3.78
CA ALA A 659 -6.80 7.43 -3.85
C ALA A 659 -7.28 7.05 -2.45
N TYR A 660 -6.35 6.74 -1.54
CA TYR A 660 -6.78 6.35 -0.20
C TYR A 660 -7.37 7.49 0.62
N ALA A 661 -7.24 8.73 0.16
CA ALA A 661 -7.90 9.85 0.81
C ALA A 661 -9.19 10.27 0.12
N LEU A 662 -9.31 10.02 -1.18
CA LEU A 662 -10.50 10.40 -1.91
C LEU A 662 -11.57 9.32 -1.95
N GLY A 663 -11.21 8.06 -1.70
CA GLY A 663 -12.16 6.98 -1.79
C GLY A 663 -13.19 6.93 -0.67
N PRO A 664 -12.74 6.66 0.57
CA PRO A 664 -13.70 6.34 1.65
C PRO A 664 -14.63 7.48 2.04
N ILE A 665 -14.51 8.63 1.39
CA ILE A 665 -15.33 9.79 1.70
C ILE A 665 -16.44 10.00 0.67
N VAL A 666 -16.16 9.76 -0.61
CA VAL A 666 -17.13 10.05 -1.67
C VAL A 666 -17.59 8.80 -2.40
N ALA A 667 -16.99 7.63 -2.17
CA ALA A 667 -17.42 6.44 -2.87
C ALA A 667 -18.87 6.08 -2.54
N GLY A 668 -19.23 6.17 -1.26
CA GLY A 668 -20.60 5.86 -0.88
C GLY A 668 -21.61 6.80 -1.50
N HIS A 669 -21.31 8.09 -1.52
CA HIS A 669 -22.22 9.06 -2.13
C HIS A 669 -22.32 8.83 -3.64
N ILE A 670 -21.21 8.50 -4.29
CA ILE A 670 -21.26 8.22 -5.72
C ILE A 670 -22.14 7.01 -6.00
N VAL A 671 -22.01 5.97 -5.19
CA VAL A 671 -22.83 4.78 -5.36
C VAL A 671 -24.30 5.12 -5.12
N HIS A 672 -24.59 5.90 -4.08
CA HIS A 672 -25.97 6.25 -3.75
C HIS A 672 -26.62 7.14 -4.81
N SER A 673 -25.84 7.96 -5.51
CA SER A 673 -26.41 8.86 -6.50
C SER A 673 -26.38 8.32 -7.92
N LEU A 674 -25.54 7.33 -8.22
CA LEU A 674 -25.47 6.75 -9.56
C LEU A 674 -25.73 5.25 -9.58
N GLY A 675 -25.21 4.50 -8.62
CA GLY A 675 -25.34 3.06 -8.61
C GLY A 675 -24.00 2.36 -8.65
N PHE A 676 -24.03 1.09 -8.28
CA PHE A 676 -22.80 0.29 -8.23
C PHE A 676 -22.38 -0.24 -9.59
N GLU A 677 -23.26 -0.20 -10.59
CA GLU A 677 -22.94 -0.71 -11.92
C GLU A 677 -22.35 0.33 -12.84
N GLN A 678 -22.26 1.59 -12.41
CA GLN A 678 -21.61 2.64 -13.17
C GLN A 678 -20.26 3.05 -12.62
N LEU A 679 -20.10 3.02 -11.30
CA LEU A 679 -18.81 3.38 -10.70
C LEU A 679 -17.71 2.43 -11.15
N SER A 680 -17.99 1.13 -11.14
CA SER A 680 -17.00 0.16 -11.59
C SER A 680 -16.69 0.32 -13.07
N LEU A 681 -17.71 0.61 -13.88
CA LEU A 681 -17.49 0.83 -15.31
C LEU A 681 -16.57 2.03 -15.53
N GLY A 682 -16.82 3.13 -14.80
CA GLY A 682 -15.96 4.29 -14.93
C GLY A 682 -14.53 4.01 -14.51
N MET A 683 -14.36 3.29 -13.40
CA MET A 683 -13.03 2.92 -12.93
C MET A 683 -12.30 2.07 -13.96
N GLY A 684 -12.98 1.08 -14.52
CA GLY A 684 -12.36 0.24 -15.52
C GLY A 684 -11.99 1.01 -16.78
N LEU A 685 -12.88 1.90 -17.22
CA LEU A 685 -12.58 2.72 -18.39
C LEU A 685 -11.37 3.61 -18.14
N ALA A 686 -11.28 4.21 -16.96
CA ALA A 686 -10.14 5.06 -16.64
C ALA A 686 -8.84 4.26 -16.67
N ASN A 687 -8.84 3.07 -16.06
CA ASN A 687 -7.63 2.26 -16.05
C ASN A 687 -7.24 1.83 -17.46
N LEU A 688 -8.22 1.38 -18.25
CA LEU A 688 -7.92 0.90 -19.60
C LEU A 688 -7.51 2.03 -20.54
N LEU A 689 -7.98 3.25 -20.29
CA LEU A 689 -7.53 4.39 -21.07
C LEU A 689 -6.16 4.90 -20.65
N TYR A 690 -5.81 4.78 -19.37
CA TYR A 690 -4.48 5.16 -18.94
C TYR A 690 -3.43 4.12 -19.32
N ALA A 691 -3.83 2.88 -19.56
CA ALA A 691 -2.86 1.84 -19.93
C ALA A 691 -2.02 2.20 -21.14
N PRO A 692 -2.57 2.75 -22.24
CA PRO A 692 -1.67 3.13 -23.36
C PRO A 692 -0.63 4.17 -23.00
N VAL A 693 -0.90 5.03 -22.01
CA VAL A 693 0.02 6.11 -21.69
C VAL A 693 1.37 5.56 -21.24
N LEU A 694 1.39 4.37 -20.64
CA LEU A 694 2.63 3.77 -20.17
C LEU A 694 3.59 3.41 -21.29
N LEU A 695 3.19 3.57 -22.55
CA LEU A 695 4.04 3.25 -23.69
C LEU A 695 5.19 4.23 -23.86
N LEU A 696 5.14 5.39 -23.21
CA LEU A 696 6.19 6.39 -23.34
C LEU A 696 7.50 5.97 -22.69
N LEU A 697 7.51 4.90 -21.91
CA LEU A 697 8.72 4.41 -21.26
C LEU A 697 9.42 3.34 -22.09
N ARG A 698 8.96 3.09 -23.32
CA ARG A 698 9.57 2.04 -24.14
C ARG A 698 11.02 2.35 -24.51
N ASN A 699 11.43 3.61 -24.45
CA ASN A 699 12.79 3.99 -24.80
C ASN A 699 13.74 3.96 -23.62
N VAL A 700 13.27 3.57 -22.43
CA VAL A 700 14.17 3.46 -21.29
C VAL A 700 15.06 2.23 -21.46
N GLY A 701 16.20 2.26 -20.78
CA GLY A 701 17.20 1.21 -20.90
C GLY A 701 18.32 1.53 -21.87
N LEU A 702 18.09 2.45 -22.81
CA LEU A 702 19.15 2.97 -23.65
C LEU A 702 19.69 4.30 -23.16
N LEU A 703 19.06 4.89 -22.15
CA LEU A 703 19.55 6.14 -21.56
C LEU A 703 20.74 5.92 -20.63
N THR A 704 21.11 4.68 -20.35
CA THR A 704 22.25 4.39 -19.51
C THR A 704 23.56 4.73 -20.22
#